data_7KPL
#
_entry.id   7KPL
#
_cell.length_a   33.057
_cell.length_b   91.461
_cell.length_c   97.436
_cell.angle_alpha   90.000
_cell.angle_beta   90.000
_cell.angle_gamma   90.000
#
_symmetry.space_group_name_H-M   'P 21 21 21'
#
loop_
_entity.id
_entity.type
_entity.pdbx_description
1 polymer 'Ephrin type-B receptor 1'
2 water water
#
_entity_poly.entity_id   1
_entity_poly.type   'polypeptide(L)'
_entity_poly.pdbx_seq_one_letter_code
;AKEIDVSFVKIEEVIGAGEFGEVYKGRLKLPGKREI(PTR)VAIKTLKAGYSEKQRRDFLSEASIMGQFDHPNIIRLEGV
VTKSRPVMIITEFMENGALDSFLRQNDGQFTVIQLVGMLRGIAAGMKYLAEMNYVHRDLAARNILVNSNLVCKVSDFGLS
RYLQDDTSDPTYTSSLGGKIPVRWTAPEAIAYRKFTSASDVWSYGIVMWEVMSFGERPYWDMSNQDVINAIEQDYRLPPP
MDCPAALHQLMLDCWQKDRNSRPRFAEIVNTLDKMIRNPASLK
;
_entity_poly.pdbx_strand_id   A
#
# COMPACT_ATOMS: atom_id res chain seq x y z
N ALA A 1 -1.39 -19.64 -7.56
CA ALA A 1 -0.92 -20.44 -6.43
C ALA A 1 0.05 -21.53 -6.87
N LYS A 2 1.24 -21.12 -7.32
CA LYS A 2 2.27 -22.07 -7.76
C LYS A 2 2.96 -22.70 -6.53
N GLU A 3 3.28 -23.99 -6.64
CA GLU A 3 3.81 -24.74 -5.50
C GLU A 3 5.34 -24.73 -5.53
N ILE A 4 5.94 -24.25 -4.44
CA ILE A 4 7.39 -24.12 -4.33
C ILE A 4 7.91 -25.13 -3.31
N ASP A 5 8.95 -25.87 -3.72
CA ASP A 5 9.61 -26.82 -2.84
C ASP A 5 10.46 -26.08 -1.81
N VAL A 6 10.24 -26.39 -0.52
CA VAL A 6 10.92 -25.71 0.57
C VAL A 6 12.44 -25.77 0.45
N SER A 7 12.98 -26.78 -0.24
CA SER A 7 14.43 -26.87 -0.36
C SER A 7 14.99 -25.85 -1.34
N PHE A 8 14.15 -25.18 -2.13
CA PHE A 8 14.59 -24.11 -3.01
C PHE A 8 14.67 -22.77 -2.30
N VAL A 9 14.37 -22.74 -1.00
CA VAL A 9 14.26 -21.53 -0.20
C VAL A 9 15.27 -21.61 0.93
N LYS A 10 16.03 -20.54 1.13
CA LYS A 10 16.86 -20.36 2.30
C LYS A 10 16.29 -19.18 3.07
N ILE A 11 16.17 -19.33 4.38
CA ILE A 11 15.58 -18.30 5.22
C ILE A 11 16.70 -17.59 5.95
N GLU A 12 16.78 -16.28 5.77
CA GLU A 12 17.76 -15.44 6.43
C GLU A 12 17.13 -14.68 7.59
N GLU A 13 17.44 -13.38 7.69
CA GLU A 13 17.06 -12.61 8.85
C GLU A 13 15.55 -12.33 8.86
N VAL A 14 15.01 -12.14 10.07
CA VAL A 14 13.65 -11.64 10.22
C VAL A 14 13.61 -10.18 9.78
N ILE A 15 12.43 -9.72 9.36
CA ILE A 15 12.28 -8.35 8.87
C ILE A 15 10.92 -7.81 9.27
N GLY A 16 10.26 -8.47 10.21
CA GLY A 16 8.97 -8.02 10.71
C GLY A 16 8.24 -9.12 11.44
N ALA A 17 7.23 -8.71 12.21
CA ALA A 17 6.37 -9.63 12.94
C ALA A 17 4.93 -9.20 12.68
N GLY A 18 4.35 -9.73 11.60
CA GLY A 18 3.06 -9.30 11.11
C GLY A 18 1.89 -9.80 11.95
N GLU A 19 0.69 -9.46 11.46
CA GLU A 19 -0.55 -9.98 12.01
C GLU A 19 -0.47 -11.49 12.23
N PHE A 20 -0.34 -12.22 11.13
CA PHE A 20 -0.47 -13.67 11.15
C PHE A 20 0.76 -14.33 11.74
N GLY A 21 1.92 -13.74 11.51
CA GLY A 21 3.15 -14.31 12.01
C GLY A 21 4.33 -13.47 11.62
N GLU A 22 5.46 -14.10 11.38
CA GLU A 22 6.68 -13.38 11.08
C GLU A 22 6.90 -13.30 9.58
N VAL A 23 7.73 -12.35 9.18
CA VAL A 23 8.20 -12.22 7.81
C VAL A 23 9.71 -12.30 7.83
N TYR A 24 10.28 -13.11 6.94
CA TYR A 24 11.72 -13.26 6.82
C TYR A 24 12.19 -12.79 5.45
N LYS A 25 13.43 -12.33 5.39
CA LYS A 25 14.10 -12.21 4.11
C LYS A 25 14.73 -13.57 3.78
N GLY A 26 14.64 -13.96 2.51
CA GLY A 26 15.20 -15.23 2.10
C GLY A 26 15.71 -15.18 0.67
N ARG A 27 16.18 -16.34 0.21
CA ARG A 27 16.67 -16.50 -1.15
C ARG A 27 15.90 -17.63 -1.81
N LEU A 28 15.46 -17.40 -3.03
CA LEU A 28 14.74 -18.41 -3.80
C LEU A 28 15.57 -18.77 -5.03
N LYS A 29 15.89 -20.05 -5.17
CA LYS A 29 16.73 -20.52 -6.28
C LYS A 29 16.04 -21.74 -6.86
N LEU A 30 15.17 -21.51 -7.87
CA LEU A 30 14.54 -22.65 -8.54
C LEU A 30 15.45 -23.21 -9.62
N PRO A 31 15.33 -24.50 -9.92
CA PRO A 31 16.27 -25.14 -10.86
C PRO A 31 16.34 -24.44 -12.21
N GLY A 32 17.58 -24.17 -12.65
CA GLY A 32 17.83 -23.57 -13.94
C GLY A 32 17.54 -22.09 -14.04
N LYS A 33 17.19 -21.43 -12.93
CA LYS A 33 16.77 -20.03 -12.91
C LYS A 33 17.69 -19.23 -11.98
N ARG A 34 17.79 -17.93 -12.26
CA ARG A 34 18.63 -17.00 -11.46
C ARG A 34 17.98 -16.81 -10.08
N GLU A 35 18.80 -16.80 -9.02
CA GLU A 35 18.35 -16.63 -7.65
C GLU A 35 17.83 -15.22 -7.43
N ILE A 36 16.67 -15.11 -6.78
CA ILE A 36 16.13 -13.79 -6.42
C ILE A 36 15.97 -13.72 -4.91
N PTR A 37 15.93 -12.50 -4.37
CA PTR A 37 15.50 -12.29 -3.00
C PTR A 37 13.96 -12.40 -2.92
O PTR A 37 13.25 -12.08 -3.86
CB PTR A 37 15.98 -10.94 -2.46
CG PTR A 37 17.48 -10.83 -2.23
CD1 PTR A 37 18.23 -9.83 -2.86
CD2 PTR A 37 18.14 -11.69 -1.35
CE1 PTR A 37 19.58 -9.72 -2.64
CE2 PTR A 37 19.50 -11.58 -1.13
CZ PTR A 37 20.22 -10.59 -1.78
OH PTR A 37 21.51 -10.48 -1.57
P PTR A 37 22.16 -9.89 -0.22
O1P PTR A 37 21.74 -10.71 0.95
O2P PTR A 37 21.69 -8.42 -0.05
O3P PTR A 37 23.69 -9.92 -0.38
N VAL A 38 13.46 -12.91 -1.80
CA VAL A 38 12.02 -13.04 -1.59
C VAL A 38 11.69 -12.69 -0.16
N ALA A 39 10.43 -12.36 0.08
CA ALA A 39 9.88 -12.25 1.42
C ALA A 39 9.11 -13.53 1.73
N ILE A 40 9.29 -14.05 2.93
CA ILE A 40 8.72 -15.33 3.33
C ILE A 40 7.82 -15.07 4.53
N LYS A 41 6.51 -15.07 4.32
CA LYS A 41 5.56 -14.86 5.39
C LYS A 41 5.18 -16.20 6.01
N THR A 42 5.33 -16.29 7.34
CA THR A 42 4.96 -17.47 8.08
C THR A 42 3.75 -17.19 8.97
N LEU A 43 3.07 -18.27 9.33
CA LEU A 43 2.00 -18.24 10.32
C LEU A 43 2.58 -18.46 11.71
N LYS A 44 2.09 -17.69 12.70
CA LYS A 44 2.50 -17.85 14.09
C LYS A 44 2.47 -19.31 14.54
N ALA A 45 3.49 -19.70 15.30
CA ALA A 45 3.64 -21.10 15.68
C ALA A 45 2.41 -21.63 16.42
N GLY A 46 2.04 -22.87 16.15
CA GLY A 46 0.88 -23.45 16.76
C GLY A 46 -0.42 -23.19 16.04
N TYR A 47 -0.38 -22.78 14.77
CA TYR A 47 -1.59 -22.39 14.06
C TYR A 47 -2.50 -23.59 13.87
N SER A 48 -3.79 -23.31 13.88
CA SER A 48 -4.84 -24.30 13.69
C SER A 48 -5.07 -24.51 12.20
N GLU A 49 -5.82 -25.57 11.87
CA GLU A 49 -6.12 -25.82 10.46
C GLU A 49 -6.99 -24.72 9.85
N LYS A 50 -7.90 -24.12 10.61
CA LYS A 50 -8.69 -23.05 10.03
C LYS A 50 -7.84 -21.80 9.83
N GLN A 51 -6.87 -21.57 10.73
CA GLN A 51 -5.92 -20.49 10.52
C GLN A 51 -5.05 -20.74 9.30
N ARG A 52 -4.72 -22.01 9.03
CA ARG A 52 -4.00 -22.37 7.82
C ARG A 52 -4.81 -22.07 6.57
N ARG A 53 -6.10 -22.46 6.57
CA ARG A 53 -6.96 -22.22 5.42
C ARG A 53 -7.08 -20.74 5.13
N ASP A 54 -7.32 -19.93 6.18
CA ASP A 54 -7.40 -18.50 6.02
C ASP A 54 -6.11 -17.96 5.39
N PHE A 55 -4.97 -18.34 5.97
CA PHE A 55 -3.65 -17.98 5.43
C PHE A 55 -3.54 -18.32 3.95
N LEU A 56 -3.88 -19.54 3.56
CA LEU A 56 -3.71 -19.94 2.17
C LEU A 56 -4.77 -19.37 1.25
N SER A 57 -5.85 -18.83 1.79
CA SER A 57 -6.81 -18.16 0.93
C SER A 57 -6.41 -16.70 0.72
N GLU A 58 -5.64 -16.13 1.64
CA GLU A 58 -4.97 -14.87 1.35
C GLU A 58 -4.08 -15.00 0.12
N ALA A 59 -3.33 -16.10 0.02
CA ALA A 59 -2.43 -16.29 -1.12
C ALA A 59 -3.21 -16.46 -2.41
N SER A 60 -4.31 -17.23 -2.38
CA SER A 60 -5.13 -17.39 -3.59
C SER A 60 -5.59 -16.04 -4.12
N ILE A 61 -5.84 -15.07 -3.23
CA ILE A 61 -6.26 -13.74 -3.66
C ILE A 61 -5.09 -13.01 -4.34
N MET A 62 -3.92 -13.02 -3.71
CA MET A 62 -2.76 -12.32 -4.28
C MET A 62 -2.30 -12.93 -5.60
N GLY A 63 -2.60 -14.21 -5.84
CA GLY A 63 -2.25 -14.88 -7.09
C GLY A 63 -3.12 -14.50 -8.26
N GLN A 64 -4.25 -13.85 -8.00
CA GLN A 64 -5.08 -13.32 -9.08
C GLN A 64 -4.47 -12.08 -9.72
N PHE A 65 -3.52 -11.42 -9.05
CA PHE A 65 -3.01 -10.11 -9.44
C PHE A 65 -1.66 -10.21 -10.14
N ASP A 66 -1.49 -9.41 -11.20
CA ASP A 66 -0.26 -9.37 -11.99
C ASP A 66 -0.10 -7.94 -12.52
N HIS A 67 0.44 -7.06 -11.66
CA HIS A 67 0.55 -5.65 -12.01
C HIS A 67 1.85 -5.12 -11.43
N PRO A 68 2.56 -4.27 -12.18
CA PRO A 68 3.87 -3.79 -11.69
C PRO A 68 3.83 -3.07 -10.37
N ASN A 69 2.65 -2.67 -9.87
CA ASN A 69 2.55 -1.95 -8.60
C ASN A 69 1.72 -2.71 -7.58
N ILE A 70 1.48 -3.99 -7.80
CA ILE A 70 0.92 -4.86 -6.77
C ILE A 70 1.99 -5.86 -6.39
N ILE A 71 2.04 -6.22 -5.10
CA ILE A 71 3.06 -7.16 -4.65
C ILE A 71 2.88 -8.50 -5.35
N ARG A 72 3.94 -8.96 -6.00
CA ARG A 72 3.92 -10.22 -6.72
C ARG A 72 4.04 -11.41 -5.77
N LEU A 73 3.18 -12.39 -5.95
CA LEU A 73 3.24 -13.64 -5.23
C LEU A 73 4.13 -14.62 -6.00
N GLU A 74 5.22 -15.08 -5.39
CA GLU A 74 6.10 -16.01 -6.09
C GLU A 74 5.58 -17.45 -6.01
N GLY A 75 5.05 -17.84 -4.86
CA GLY A 75 4.49 -19.17 -4.69
C GLY A 75 4.17 -19.41 -3.23
N VAL A 76 3.72 -20.65 -2.94
CA VAL A 76 3.41 -21.06 -1.58
C VAL A 76 4.12 -22.38 -1.29
N VAL A 77 4.36 -22.62 0.00
CA VAL A 77 4.88 -23.89 0.51
C VAL A 77 3.73 -24.55 1.28
N THR A 78 3.13 -25.60 0.70
CA THR A 78 2.02 -26.28 1.36
C THR A 78 2.23 -27.77 1.55
N LYS A 79 3.21 -28.37 0.90
CA LYS A 79 3.40 -29.82 1.03
C LYS A 79 4.21 -30.19 2.28
N SER A 80 4.98 -29.26 2.83
CA SER A 80 5.69 -29.49 4.07
C SER A 80 5.18 -28.53 5.12
N ARG A 81 5.65 -28.72 6.35
CA ARG A 81 5.28 -27.87 7.46
C ARG A 81 6.51 -27.11 7.97
N PRO A 82 6.37 -25.83 8.33
CA PRO A 82 5.18 -24.98 8.31
C PRO A 82 4.82 -24.43 6.94
N VAL A 83 3.59 -23.95 6.79
CA VAL A 83 3.16 -23.25 5.59
C VAL A 83 3.89 -21.92 5.46
N MET A 84 4.17 -21.52 4.24
CA MET A 84 4.81 -20.24 3.95
C MET A 84 4.20 -19.64 2.71
N ILE A 85 4.15 -18.31 2.69
CA ILE A 85 3.85 -17.56 1.48
C ILE A 85 5.12 -16.83 1.07
N ILE A 86 5.55 -17.05 -0.18
CA ILE A 86 6.72 -16.42 -0.74
C ILE A 86 6.27 -15.25 -1.61
N THR A 87 6.76 -14.05 -1.33
CA THR A 87 6.49 -12.90 -2.20
C THR A 87 7.80 -12.26 -2.62
N GLU A 88 7.69 -11.29 -3.52
CA GLU A 88 8.88 -10.59 -3.94
C GLU A 88 9.39 -9.70 -2.82
N PHE A 89 10.71 -9.53 -2.77
CA PHE A 89 11.36 -8.75 -1.73
C PHE A 89 11.35 -7.27 -2.10
N MET A 90 11.06 -6.43 -1.11
CA MET A 90 11.10 -4.97 -1.24
C MET A 90 12.18 -4.45 -0.31
N GLU A 91 13.32 -4.05 -0.90
CA GLU A 91 14.52 -3.77 -0.12
C GLU A 91 14.35 -2.60 0.84
N ASN A 92 13.50 -1.63 0.50
CA ASN A 92 13.38 -0.42 1.29
C ASN A 92 12.17 -0.42 2.22
N GLY A 93 11.48 -1.55 2.34
CA GLY A 93 10.46 -1.66 3.35
C GLY A 93 9.23 -0.81 3.10
N ALA A 94 8.50 -0.56 4.18
CA ALA A 94 7.25 0.18 4.08
C ALA A 94 7.52 1.63 3.71
N LEU A 95 6.60 2.21 2.92
CA LEU A 95 6.79 3.58 2.43
C LEU A 95 6.85 4.59 3.57
N ASP A 96 6.03 4.41 4.62
CA ASP A 96 6.01 5.41 5.70
C ASP A 96 7.34 5.48 6.46
N SER A 97 7.87 4.33 6.93
CA SER A 97 9.18 4.35 7.57
C SER A 97 10.25 4.85 6.62
N PHE A 98 10.11 4.54 5.34
CA PHE A 98 11.15 4.87 4.37
C PHE A 98 11.26 6.37 4.18
N LEU A 99 10.12 7.05 4.00
CA LEU A 99 10.12 8.52 3.96
C LEU A 99 10.60 9.12 5.27
N ARG A 100 10.14 8.58 6.41
CA ARG A 100 10.53 9.10 7.72
C ARG A 100 12.03 9.04 7.94
N GLN A 101 12.69 8.02 7.41
CA GLN A 101 14.13 7.88 7.53
C GLN A 101 14.88 8.59 6.40
N ASN A 102 14.17 9.19 5.46
CA ASN A 102 14.81 9.93 4.37
C ASN A 102 14.10 11.27 4.19
N ASP A 103 13.84 11.94 5.30
CA ASP A 103 13.18 13.24 5.30
C ASP A 103 13.94 14.25 4.43
N GLY A 104 13.26 14.77 3.42
CA GLY A 104 13.78 15.77 2.51
C GLY A 104 14.70 15.26 1.41
N GLN A 105 14.91 13.96 1.28
CA GLN A 105 15.98 13.44 0.43
C GLN A 105 15.52 13.03 -0.95
N PHE A 106 14.28 13.29 -1.30
CA PHE A 106 13.72 12.95 -2.61
C PHE A 106 13.09 14.20 -3.20
N THR A 107 13.22 14.35 -4.52
CA THR A 107 12.64 15.51 -5.18
C THR A 107 11.13 15.34 -5.33
N VAL A 108 10.47 16.48 -5.56
CA VAL A 108 9.02 16.48 -5.76
C VAL A 108 8.62 15.54 -6.90
N ILE A 109 9.39 15.50 -7.97
CA ILE A 109 9.02 14.70 -9.13
C ILE A 109 9.20 13.21 -8.84
N GLN A 110 10.18 12.85 -8.02
CA GLN A 110 10.31 11.45 -7.62
C GLN A 110 9.14 11.04 -6.73
N LEU A 111 8.68 11.94 -5.86
CA LEU A 111 7.53 11.62 -5.02
C LEU A 111 6.24 11.50 -5.82
N VAL A 112 6.06 12.35 -6.83
CA VAL A 112 4.91 12.19 -7.72
C VAL A 112 5.00 10.87 -8.50
N GLY A 113 6.22 10.43 -8.84
CA GLY A 113 6.37 9.14 -9.49
C GLY A 113 5.87 8.00 -8.63
N MET A 114 6.21 8.02 -7.33
CA MET A 114 5.72 6.99 -6.43
C MET A 114 4.20 7.06 -6.28
N LEU A 115 3.66 8.27 -6.15
CA LEU A 115 2.21 8.46 -6.07
C LEU A 115 1.54 7.96 -7.34
N ARG A 116 2.19 8.10 -8.49
CA ARG A 116 1.63 7.60 -9.74
C ARG A 116 1.61 6.08 -9.76
N GLY A 117 2.69 5.44 -9.29
CA GLY A 117 2.70 4.00 -9.19
C GLY A 117 1.62 3.45 -8.28
N ILE A 118 1.47 4.04 -7.10
CA ILE A 118 0.42 3.61 -6.18
C ILE A 118 -0.95 3.71 -6.85
N ALA A 119 -1.23 4.82 -7.53
CA ALA A 119 -2.51 5.01 -8.19
C ALA A 119 -2.74 3.95 -9.25
N ALA A 120 -1.74 3.72 -10.12
CA ALA A 120 -1.88 2.70 -11.16
C ALA A 120 -2.28 1.37 -10.56
N GLY A 121 -1.65 0.99 -9.44
CA GLY A 121 -1.96 -0.28 -8.78
C GLY A 121 -3.31 -0.29 -8.09
N MET A 122 -3.70 0.84 -7.49
CA MET A 122 -5.06 0.96 -6.97
C MET A 122 -6.10 0.88 -8.08
N LYS A 123 -5.82 1.49 -9.23
CA LYS A 123 -6.73 1.39 -10.38
C LYS A 123 -6.93 -0.06 -10.78
N TYR A 124 -5.83 -0.79 -10.95
CA TYR A 124 -5.91 -2.21 -11.25
C TYR A 124 -6.79 -2.96 -10.24
N LEU A 125 -6.62 -2.69 -8.94
CA LEU A 125 -7.43 -3.34 -7.92
C LEU A 125 -8.90 -2.97 -8.03
N ALA A 126 -9.19 -1.67 -8.14
CA ALA A 126 -10.57 -1.24 -8.34
C ALA A 126 -11.19 -1.91 -9.57
N GLU A 127 -10.41 -2.04 -10.65
CA GLU A 127 -10.94 -2.55 -11.90
C GLU A 127 -11.34 -4.01 -11.79
N MET A 128 -10.74 -4.74 -10.85
CA MET A 128 -11.16 -6.10 -10.58
C MET A 128 -12.04 -6.21 -9.35
N ASN A 129 -12.66 -5.11 -8.95
CA ASN A 129 -13.74 -5.12 -7.97
C ASN A 129 -13.26 -5.60 -6.60
N TYR A 130 -12.04 -5.23 -6.22
CA TYR A 130 -11.54 -5.42 -4.87
C TYR A 130 -11.45 -4.08 -4.17
N VAL A 131 -12.06 -4.01 -3.01
CA VAL A 131 -11.90 -2.87 -2.13
C VAL A 131 -10.83 -3.23 -1.12
N HIS A 132 -9.88 -2.32 -0.94
CA HIS A 132 -8.76 -2.55 -0.04
C HIS A 132 -9.16 -2.27 1.40
N ARG A 133 -9.76 -1.10 1.64
CA ARG A 133 -10.17 -0.61 2.96
C ARG A 133 -9.05 -0.40 3.97
N ASP A 134 -7.79 -0.66 3.61
CA ASP A 134 -6.71 -0.37 4.54
C ASP A 134 -5.56 0.37 3.85
N LEU A 135 -5.86 1.14 2.80
CA LEU A 135 -4.84 1.85 2.05
C LEU A 135 -4.20 2.94 2.94
N ALA A 136 -2.95 2.71 3.31
CA ALA A 136 -2.14 3.66 4.05
C ALA A 136 -0.69 3.46 3.64
N ALA A 137 0.14 4.47 3.93
CA ALA A 137 1.57 4.39 3.62
C ALA A 137 2.23 3.20 4.27
N ARG A 138 1.78 2.81 5.46
CA ARG A 138 2.38 1.67 6.14
C ARG A 138 2.05 0.34 5.46
N ASN A 139 1.12 0.33 4.49
CA ASN A 139 0.75 -0.87 3.74
C ASN A 139 1.24 -0.84 2.30
N ILE A 140 2.14 0.09 1.99
CA ILE A 140 2.76 0.21 0.68
CA ILE A 140 2.75 0.22 0.68
C ILE A 140 4.24 -0.11 0.84
N LEU A 141 4.76 -0.96 -0.04
CA LEU A 141 6.17 -1.34 0.03
C LEU A 141 6.97 -0.69 -1.10
N VAL A 142 8.28 -0.57 -0.90
CA VAL A 142 9.15 0.15 -1.83
C VAL A 142 10.38 -0.69 -2.17
N ASN A 143 10.62 -0.90 -3.46
CA ASN A 143 11.75 -1.74 -3.85
C ASN A 143 13.00 -0.86 -4.01
N SER A 144 14.08 -1.45 -4.57
CA SER A 144 15.37 -0.77 -4.60
CA SER A 144 15.37 -0.77 -4.60
C SER A 144 15.42 0.39 -5.58
N ASN A 145 14.51 0.44 -6.56
CA ASN A 145 14.48 1.55 -7.50
C ASN A 145 13.28 2.47 -7.31
N LEU A 146 12.78 2.55 -6.08
CA LEU A 146 11.72 3.47 -5.66
C LEU A 146 10.37 3.18 -6.31
N VAL A 147 10.14 1.94 -6.76
CA VAL A 147 8.82 1.54 -7.25
C VAL A 147 7.97 1.11 -6.06
N CYS A 148 6.79 1.70 -5.92
CA CYS A 148 5.89 1.47 -4.79
C CYS A 148 4.85 0.42 -5.16
N LYS A 149 4.63 -0.54 -4.28
CA LYS A 149 3.66 -1.59 -4.55
C LYS A 149 2.70 -1.75 -3.39
N VAL A 150 1.43 -1.92 -3.72
CA VAL A 150 0.39 -2.11 -2.73
C VAL A 150 0.44 -3.55 -2.21
N SER A 151 0.48 -3.70 -0.89
CA SER A 151 0.33 -5.02 -0.26
C SER A 151 -0.84 -5.08 0.72
N ASP A 152 -0.70 -5.86 1.81
CA ASP A 152 -1.70 -6.04 2.88
C ASP A 152 -3.02 -6.61 2.33
N PHE A 153 -2.97 -7.88 1.99
CA PHE A 153 -4.09 -8.50 1.27
C PHE A 153 -4.85 -9.51 2.14
N ILE A 176 -10.83 -0.44 12.66
CA ILE A 176 -10.80 0.48 11.52
C ILE A 176 -9.85 1.67 11.77
N PRO A 177 -8.81 1.84 10.90
CA PRO A 177 -7.91 3.00 11.00
C PRO A 177 -8.57 4.34 10.64
N VAL A 178 -9.19 4.98 11.64
CA VAL A 178 -10.17 6.04 11.38
C VAL A 178 -9.60 7.15 10.50
N ARG A 179 -8.40 7.65 10.79
CA ARG A 179 -7.96 8.81 10.03
C ARG A 179 -7.61 8.51 8.57
N TRP A 180 -7.58 7.26 8.15
CA TRP A 180 -7.39 6.96 6.73
C TRP A 180 -8.70 6.66 6.01
N THR A 181 -9.81 6.67 6.72
CA THR A 181 -11.07 6.12 6.23
C THR A 181 -12.05 7.24 5.86
N ALA A 182 -12.74 7.06 4.74
CA ALA A 182 -13.69 8.06 4.29
C ALA A 182 -14.85 8.18 5.27
N PRO A 183 -15.46 9.36 5.37
CA PRO A 183 -16.53 9.55 6.37
C PRO A 183 -17.68 8.57 6.23
N GLU A 184 -18.11 8.23 5.00
CA GLU A 184 -19.17 7.25 4.82
C GLU A 184 -18.70 5.85 5.14
N ALA A 185 -17.41 5.66 5.34
CA ALA A 185 -16.90 4.42 5.89
C ALA A 185 -16.61 4.53 7.37
N ILE A 186 -16.81 5.72 7.95
CA ILE A 186 -16.64 5.89 9.39
C ILE A 186 -18.05 6.16 9.98
N ALA A 187 -19.08 6.47 9.14
CA ALA A 187 -20.46 6.68 9.65
C ALA A 187 -21.52 5.63 9.22
N TYR A 188 -21.48 5.05 7.98
CA TYR A 188 -22.40 4.01 7.50
C TYR A 188 -21.88 2.65 6.96
N ARG A 189 -20.68 2.17 7.30
CA ARG A 189 -19.99 0.99 6.73
C ARG A 189 -20.09 0.77 5.21
N LYS A 190 -20.02 1.85 4.42
CA LYS A 190 -20.03 1.77 2.96
C LYS A 190 -18.59 1.84 2.46
N PHE A 191 -18.03 0.70 2.06
CA PHE A 191 -16.66 0.60 1.55
C PHE A 191 -16.73 0.33 0.04
N THR A 192 -16.20 1.28 -0.74
CA THR A 192 -16.17 1.26 -2.20
C THR A 192 -14.80 1.71 -2.68
N SER A 193 -14.54 1.60 -3.99
CA SER A 193 -13.32 2.19 -4.52
C SER A 193 -13.28 3.69 -4.24
N ALA A 194 -14.46 4.32 -4.17
CA ALA A 194 -14.55 5.74 -3.88
C ALA A 194 -14.01 6.07 -2.48
N SER A 195 -14.21 5.18 -1.49
CA SER A 195 -13.63 5.42 -0.17
C SER A 195 -12.17 5.03 -0.12
N ASP A 196 -11.74 4.05 -0.92
CA ASP A 196 -10.31 3.87 -1.16
C ASP A 196 -9.66 5.12 -1.72
N VAL A 197 -10.39 5.89 -2.52
CA VAL A 197 -9.81 7.10 -3.10
C VAL A 197 -9.55 8.14 -2.01
N TRP A 198 -10.51 8.33 -1.09
CA TRP A 198 -10.27 9.12 0.11
C TRP A 198 -8.97 8.71 0.81
N SER A 199 -8.80 7.41 1.05
CA SER A 199 -7.55 6.92 1.64
C SER A 199 -6.35 7.30 0.79
N TYR A 200 -6.45 7.11 -0.53
CA TYR A 200 -5.36 7.49 -1.41
C TYR A 200 -4.97 8.93 -1.21
N GLY A 201 -5.96 9.82 -1.06
CA GLY A 201 -5.65 11.20 -0.76
C GLY A 201 -4.80 11.35 0.48
N ILE A 202 -5.19 10.66 1.57
CA ILE A 202 -4.39 10.71 2.80
C ILE A 202 -2.98 10.22 2.52
N VAL A 203 -2.84 9.15 1.75
CA VAL A 203 -1.50 8.67 1.42
C VAL A 203 -0.72 9.76 0.70
N MET A 204 -1.39 10.49 -0.19
CA MET A 204 -0.72 11.59 -0.90
C MET A 204 -0.17 12.59 0.09
N TRP A 205 -0.93 12.89 1.13
CA TRP A 205 -0.47 13.84 2.14
C TRP A 205 0.69 13.26 2.94
N GLU A 206 0.56 12.00 3.36
CA GLU A 206 1.67 11.31 4.03
C GLU A 206 2.95 11.36 3.21
N VAL A 207 2.86 11.07 1.90
CA VAL A 207 4.05 11.07 1.07
C VAL A 207 4.62 12.47 0.97
N MET A 208 3.79 13.46 0.65
CA MET A 208 4.33 14.79 0.42
C MET A 208 4.90 15.42 1.68
N SER A 209 4.52 14.96 2.87
CA SER A 209 5.06 15.44 4.13
C SER A 209 6.18 14.56 4.65
N PHE A 210 6.63 13.60 3.85
CA PHE A 210 7.69 12.67 4.26
C PHE A 210 7.32 11.90 5.53
N GLY A 211 6.06 11.50 5.63
CA GLY A 211 5.67 10.56 6.67
C GLY A 211 5.13 11.20 7.92
N GLU A 212 4.58 12.41 7.83
CA GLU A 212 3.90 12.93 9.00
C GLU A 212 2.62 12.15 9.22
N ARG A 213 2.22 12.10 10.48
CA ARG A 213 0.98 11.44 10.85
C ARG A 213 -0.20 12.30 10.40
N PRO A 214 -1.21 11.72 9.75
CA PRO A 214 -2.41 12.50 9.41
C PRO A 214 -3.11 12.98 10.68
N TYR A 215 -3.40 14.27 10.73
CA TYR A 215 -4.14 14.95 11.79
C TYR A 215 -3.41 14.92 13.14
N TRP A 216 -2.15 14.46 13.11
CA TRP A 216 -1.22 14.52 14.28
C TRP A 216 -1.80 13.94 15.58
N ASP A 217 -1.95 14.79 16.61
CA ASP A 217 -2.38 14.29 17.91
CA ASP A 217 -2.39 14.37 17.94
C ASP A 217 -3.90 14.38 18.10
N MET A 218 -4.64 14.76 17.07
CA MET A 218 -6.09 14.77 17.21
C MET A 218 -6.57 13.36 17.54
N SER A 219 -7.53 13.28 18.46
CA SER A 219 -8.19 12.02 18.76
C SER A 219 -9.04 11.55 17.57
N ASN A 220 -9.33 10.25 17.54
CA ASN A 220 -10.18 9.71 16.49
C ASN A 220 -11.48 10.48 16.36
N GLN A 221 -12.09 10.84 17.48
CA GLN A 221 -13.37 11.53 17.40
C GLN A 221 -13.19 12.98 16.99
N ASP A 222 -12.07 13.60 17.35
CA ASP A 222 -11.84 14.96 16.88
C ASP A 222 -11.71 14.98 15.35
N VAL A 223 -11.04 13.98 14.79
CA VAL A 223 -10.95 13.88 13.34
C VAL A 223 -12.34 13.75 12.73
N ILE A 224 -13.17 12.85 13.29
CA ILE A 224 -14.52 12.67 12.77
C ILE A 224 -15.29 13.99 12.80
N ASN A 225 -15.31 14.66 13.95
CA ASN A 225 -16.05 15.90 14.06
C ASN A 225 -15.50 16.97 13.13
N ALA A 226 -14.18 17.04 12.98
CA ALA A 226 -13.59 18.10 12.15
C ALA A 226 -13.83 17.82 10.67
N ILE A 227 -13.77 16.57 10.26
CA ILE A 227 -14.09 16.25 8.86
C ILE A 227 -15.52 16.65 8.55
N GLU A 228 -16.45 16.40 9.48
CA GLU A 228 -17.87 16.66 9.23
C GLU A 228 -18.18 18.15 9.12
N GLN A 229 -17.39 19.02 9.75
CA GLN A 229 -17.50 20.46 9.54
C GLN A 229 -16.55 20.98 8.47
N ASP A 230 -16.11 20.12 7.57
CA ASP A 230 -15.38 20.49 6.36
C ASP A 230 -13.97 21.00 6.67
N TYR A 231 -13.32 20.39 7.66
CA TYR A 231 -11.88 20.60 7.84
C TYR A 231 -11.13 19.60 6.96
N ARG A 232 -10.15 20.09 6.22
CA ARG A 232 -9.29 19.21 5.45
C ARG A 232 -7.84 19.56 5.72
N LEU A 233 -6.98 18.57 5.58
CA LEU A 233 -5.57 18.76 5.87
C LEU A 233 -4.98 19.90 5.04
N PRO A 234 -4.01 20.65 5.58
CA PRO A 234 -3.40 21.75 4.82
C PRO A 234 -2.34 21.22 3.87
N PRO A 235 -1.82 22.05 2.98
CA PRO A 235 -0.74 21.58 2.10
C PRO A 235 0.49 21.25 2.92
N PRO A 236 1.14 20.12 2.64
CA PRO A 236 2.46 19.86 3.27
C PRO A 236 3.45 20.96 2.88
N MET A 237 4.51 21.10 3.66
CA MET A 237 5.48 22.13 3.34
C MET A 237 6.09 21.86 1.97
N ASP A 238 6.16 22.92 1.15
CA ASP A 238 6.72 22.89 -0.20
C ASP A 238 5.91 22.01 -1.14
N CYS A 239 4.65 21.75 -0.79
CA CYS A 239 3.78 20.95 -1.63
C CYS A 239 3.20 21.81 -2.76
N PRO A 240 3.35 21.40 -4.02
CA PRO A 240 2.63 22.05 -5.13
C PRO A 240 1.16 22.25 -4.83
N ALA A 241 0.64 23.44 -5.17
CA ALA A 241 -0.80 23.66 -5.09
C ALA A 241 -1.58 22.62 -5.89
N ALA A 242 -1.11 22.27 -7.10
CA ALA A 242 -1.84 21.33 -7.93
C ALA A 242 -2.02 19.99 -7.22
N LEU A 243 -1.00 19.53 -6.50
CA LEU A 243 -1.10 18.25 -5.82
C LEU A 243 -2.03 18.32 -4.62
N HIS A 244 -1.98 19.44 -3.88
CA HIS A 244 -2.91 19.61 -2.77
C HIS A 244 -4.34 19.75 -3.27
N GLN A 245 -4.55 20.34 -4.44
CA GLN A 245 -5.88 20.38 -5.00
C GLN A 245 -6.40 18.96 -5.27
N LEU A 246 -5.51 18.05 -5.66
CA LEU A 246 -5.93 16.70 -5.98
C LEU A 246 -6.28 15.92 -4.73
N MET A 247 -5.56 16.17 -3.64
CA MET A 247 -5.99 15.65 -2.34
C MET A 247 -7.39 16.15 -2.00
N LEU A 248 -7.62 17.46 -2.14
CA LEU A 248 -8.94 18.03 -1.82
C LEU A 248 -10.05 17.38 -2.65
N ASP A 249 -9.77 17.08 -3.92
CA ASP A 249 -10.73 16.35 -4.75
C ASP A 249 -10.98 14.94 -4.23
N CYS A 250 -9.93 14.26 -3.75
CA CYS A 250 -10.06 12.95 -3.12
C CYS A 250 -10.85 13.00 -1.83
N TRP A 251 -10.97 14.16 -1.19
CA TRP A 251 -11.68 14.26 0.08
C TRP A 251 -13.04 14.93 -0.07
N GLN A 252 -13.60 14.94 -1.27
CA GLN A 252 -14.96 15.43 -1.42
C GLN A 252 -15.89 14.66 -0.49
N LYS A 253 -16.81 15.38 0.16
CA LYS A 253 -17.76 14.73 1.07
C LYS A 253 -18.61 13.70 0.32
N ASP A 254 -19.15 14.08 -0.85
CA ASP A 254 -19.93 13.17 -1.66
C ASP A 254 -18.98 12.24 -2.41
N ARG A 255 -19.16 10.93 -2.22
CA ARG A 255 -18.20 9.99 -2.77
C ARG A 255 -18.19 9.96 -4.29
N ASN A 256 -19.26 10.40 -4.95
CA ASN A 256 -19.28 10.37 -6.41
C ASN A 256 -18.68 11.62 -7.05
N SER A 257 -18.34 12.66 -6.27
CA SER A 257 -17.62 13.82 -6.80
C SER A 257 -16.13 13.64 -6.76
N ARG A 258 -15.68 12.60 -6.07
CA ARG A 258 -14.28 12.28 -6.00
C ARG A 258 -13.80 11.74 -7.35
N PRO A 259 -12.56 12.02 -7.72
CA PRO A 259 -12.01 11.38 -8.90
C PRO A 259 -11.83 9.91 -8.63
N ARG A 260 -11.89 9.17 -9.74
CA ARG A 260 -11.64 7.71 -9.79
C ARG A 260 -10.14 7.51 -10.04
N PHE A 261 -9.63 6.32 -9.75
CA PHE A 261 -8.20 6.08 -9.91
C PHE A 261 -7.73 6.29 -11.34
N ALA A 262 -8.59 6.02 -12.34
CA ALA A 262 -8.24 6.32 -13.73
C ALA A 262 -7.90 7.80 -13.90
N GLU A 263 -8.72 8.70 -13.37
CA GLU A 263 -8.43 10.12 -13.53
C GLU A 263 -7.26 10.54 -12.66
N ILE A 264 -7.03 9.87 -11.53
CA ILE A 264 -5.88 10.25 -10.71
C ILE A 264 -4.58 9.89 -11.43
N VAL A 265 -4.54 8.73 -12.07
CA VAL A 265 -3.36 8.35 -12.86
C VAL A 265 -3.16 9.33 -14.01
N ASN A 266 -4.23 9.70 -14.72
CA ASN A 266 -4.09 10.63 -15.83
CA ASN A 266 -4.08 10.62 -15.83
C ASN A 266 -3.67 12.01 -15.37
N THR A 267 -4.23 12.47 -14.24
CA THR A 267 -3.82 13.77 -13.72
C THR A 267 -2.33 13.78 -13.38
N LEU A 268 -1.83 12.73 -12.71
CA LEU A 268 -0.43 12.72 -12.30
C LEU A 268 0.51 12.51 -13.49
N ASP A 269 0.08 11.74 -14.51
CA ASP A 269 0.87 11.62 -15.74
C ASP A 269 1.07 12.97 -16.41
N LYS A 270 0.04 13.83 -16.38
CA LYS A 270 0.16 15.13 -17.01
C LYS A 270 1.02 16.09 -16.21
N MET A 271 1.10 15.90 -14.89
CA MET A 271 2.03 16.68 -14.08
C MET A 271 3.47 16.25 -14.32
N ILE A 272 3.72 14.94 -14.36
CA ILE A 272 5.07 14.44 -14.61
C ILE A 272 5.59 14.96 -15.94
N ARG A 273 4.68 15.11 -16.91
CA ARG A 273 5.08 15.55 -18.28
C ARG A 273 5.18 17.09 -18.37
N ASN A 274 4.32 17.81 -17.65
CA ASN A 274 4.28 19.26 -17.71
C ASN A 274 4.80 19.80 -16.38
N PRO A 275 6.06 19.49 -16.04
CA PRO A 275 6.56 19.74 -14.68
C PRO A 275 6.37 21.18 -14.23
N ALA A 276 6.05 22.07 -15.16
CA ALA A 276 5.63 23.41 -14.76
C ALA A 276 4.32 23.36 -13.98
N SER A 277 3.40 22.46 -14.37
CA SER A 277 2.18 22.19 -13.60
C SER A 277 2.43 22.32 -12.11
N LEU A 278 3.58 21.84 -11.67
CA LEU A 278 3.87 21.74 -10.26
C LEU A 278 4.09 23.11 -9.62
#